data_8OYV
#
_entry.id   8OYV
#
_cell.length_a   35.560
_cell.length_b   50.770
_cell.length_c   54.930
_cell.angle_alpha   107.610
_cell.angle_beta   90.490
_cell.angle_gamma   90.060
#
_symmetry.space_group_name_H-M   'P 1'
#
loop_
_entity.id
_entity.type
_entity.pdbx_description
1 polymer 'De novo designed soluble Claudin'
2 water water
#
_entity_poly.entity_id   1
_entity_poly.type   'polypeptide(L)'
_entity_poly.pdbx_seq_one_letter_code
;MNEEKREELLEEAKRLLEESLKLLKQAYNTPIEIDLPISGGVKAILYNGKVYLIYENGKVEEIEIPEDDILYPIYNKYIE
TLKEALKTVEKLQEELEELLENEEDGELSEEERLEKLKELAEELKETAEKLLKSIEEFSKFLEELKKKLPKNIKLNINYS
SINLAKEAAEKALEASELLEEVYESSGSGHHHHHH
;
_entity_poly.pdbx_strand_id   A,B
#
# COMPACT_ATOMS: atom_id res chain seq x y z
N ASN A 2 -16.32 8.58 -27.49
CA ASN A 2 -16.14 9.36 -26.27
C ASN A 2 -15.17 8.65 -25.33
N GLU A 3 -14.81 7.41 -25.66
CA GLU A 3 -13.88 6.65 -24.83
C GLU A 3 -12.49 7.29 -24.85
N GLU A 4 -12.12 7.94 -25.95
CA GLU A 4 -10.83 8.63 -26.00
C GLU A 4 -10.78 9.77 -24.99
N LYS A 5 -11.87 10.54 -24.88
CA LYS A 5 -11.96 11.58 -23.87
C LYS A 5 -11.80 11.00 -22.46
N ARG A 6 -12.45 9.87 -22.20
CA ARG A 6 -12.31 9.19 -20.92
C ARG A 6 -10.86 8.78 -20.67
N GLU A 7 -10.20 8.26 -21.71
CA GLU A 7 -8.80 7.87 -21.60
C GLU A 7 -7.92 9.07 -21.27
N GLU A 8 -8.13 10.18 -21.97
CA GLU A 8 -7.38 11.40 -21.69
C GLU A 8 -7.57 11.83 -20.24
N LEU A 9 -8.82 11.81 -19.76
CA LEU A 9 -9.09 12.22 -18.38
C LEU A 9 -8.42 11.28 -17.38
N LEU A 10 -8.48 9.97 -17.62
CA LEU A 10 -7.88 9.01 -16.72
C LEU A 10 -6.36 9.16 -16.66
N GLU A 11 -5.71 9.34 -17.81
CA GLU A 11 -4.26 9.51 -17.78
C GLU A 11 -3.85 10.83 -17.16
N GLU A 12 -4.62 11.90 -17.39
CA GLU A 12 -4.35 13.15 -16.70
C GLU A 12 -4.49 12.98 -15.18
N ALA A 13 -5.50 12.22 -14.75
CA ALA A 13 -5.66 11.96 -13.32
C ALA A 13 -4.48 11.16 -12.76
N LYS A 14 -4.03 10.15 -13.51
CA LYS A 14 -2.86 9.38 -13.09
C LYS A 14 -1.62 10.26 -12.98
N ARG A 15 -1.42 11.15 -13.96
CA ARG A 15 -0.31 12.09 -13.92
C ARG A 15 -0.40 12.99 -12.70
N LEU A 16 -1.60 13.53 -12.43
CA LEU A 16 -1.77 14.39 -11.27
C LEU A 16 -1.54 13.62 -9.97
N LEU A 17 -1.88 12.34 -9.94
CA LEU A 17 -1.64 11.54 -8.74
C LEU A 17 -0.15 11.29 -8.53
N GLU A 18 0.58 11.02 -9.62
CA GLU A 18 2.04 10.91 -9.52
C GLU A 18 2.64 12.21 -8.99
N GLU A 19 2.20 13.35 -9.54
CA GLU A 19 2.67 14.65 -9.09
C GLU A 19 2.33 14.87 -7.61
N SER A 20 1.13 14.48 -7.19
CA SER A 20 0.73 14.64 -5.80
C SER A 20 1.61 13.82 -4.87
N LEU A 21 1.88 12.57 -5.23
CA LEU A 21 2.76 11.73 -4.40
C LEU A 21 4.16 12.33 -4.32
N LYS A 22 4.68 12.82 -5.46
CA LYS A 22 5.99 13.46 -5.50
C LYS A 22 6.03 14.67 -4.57
N LEU A 23 5.05 15.58 -4.70
CA LEU A 23 5.03 16.77 -3.88
C LEU A 23 4.85 16.44 -2.40
N LEU A 24 4.05 15.40 -2.09
CA LEU A 24 3.86 15.01 -0.70
C LEU A 24 5.15 14.49 -0.08
N LYS A 25 5.87 13.64 -0.81
CA LYS A 25 7.14 13.15 -0.30
C LYS A 25 8.14 14.30 -0.13
N GLN A 26 8.17 15.24 -1.09
CA GLN A 26 9.05 16.39 -0.94
C GLN A 26 8.68 17.23 0.28
N ALA A 27 7.38 17.44 0.51
CA ALA A 27 6.95 18.22 1.65
C ALA A 27 7.32 17.55 2.97
N TYR A 28 7.15 16.23 3.04
CA TYR A 28 7.56 15.52 4.25
C TYR A 28 9.07 15.63 4.45
N ASN A 29 9.84 15.53 3.37
CA ASN A 29 11.29 15.69 3.47
C ASN A 29 11.68 17.11 3.82
N THR A 30 10.95 18.10 3.31
CA THR A 30 11.30 19.50 3.53
C THR A 30 11.07 19.91 4.99
N PRO A 31 12.08 20.37 5.70
CA PRO A 31 11.87 20.83 7.08
C PRO A 31 11.36 22.27 7.13
N ILE A 32 10.76 22.60 8.27
CA ILE A 32 10.21 23.94 8.49
C ILE A 32 11.26 24.74 9.24
N GLU A 33 11.84 25.73 8.58
CA GLU A 33 12.91 26.54 9.16
C GLU A 33 12.35 27.87 9.66
N ILE A 34 12.77 28.26 10.86
CA ILE A 34 12.28 29.48 11.51
C ILE A 34 13.47 30.16 12.18
N ASP A 35 13.96 31.25 11.60
CA ASP A 35 15.00 32.03 12.26
C ASP A 35 14.52 32.60 13.58
N LEU A 36 14.86 31.94 14.68
CA LEU A 36 14.40 32.40 16.00
C LEU A 36 15.01 33.76 16.32
N PRO A 37 14.26 34.65 16.98
CA PRO A 37 14.75 35.99 17.26
C PRO A 37 15.48 36.09 18.59
N ILE A 38 16.26 37.17 18.71
CA ILE A 38 17.03 37.49 19.91
C ILE A 38 17.73 36.26 20.47
N SER A 39 18.39 35.50 19.58
CA SER A 39 19.05 34.27 20.00
C SER A 39 20.43 34.14 19.37
N GLY A 40 20.93 35.17 18.69
CA GLY A 40 22.23 35.11 18.05
C GLY A 40 22.16 34.38 16.72
N GLY A 41 21.15 34.72 15.93
CA GLY A 41 20.92 34.09 14.63
C GLY A 41 20.74 32.58 14.67
N VAL A 42 20.05 32.07 15.68
CA VAL A 42 19.77 30.63 15.76
C VAL A 42 18.54 30.33 14.93
N LYS A 43 18.53 29.16 14.28
CA LYS A 43 17.39 28.72 13.48
C LYS A 43 16.77 27.49 14.13
N ALA A 44 15.45 27.51 14.30
CA ALA A 44 14.70 26.35 14.76
C ALA A 44 14.21 25.59 13.54
N ILE A 45 14.65 24.34 13.40
CA ILE A 45 14.31 23.48 12.28
C ILE A 45 13.36 22.41 12.80
N LEU A 46 12.19 22.29 12.17
CA LEU A 46 11.22 21.26 12.50
C LEU A 46 11.32 20.18 11.42
N TYR A 47 11.70 18.97 11.80
CA TYR A 47 11.87 17.88 10.86
C TYR A 47 11.45 16.58 11.52
N ASN A 48 10.46 15.89 10.95
CA ASN A 48 10.03 14.56 11.40
C ASN A 48 9.64 14.56 12.87
N GLY A 49 8.93 15.60 13.31
CA GLY A 49 8.52 15.67 14.69
C GLY A 49 9.62 16.01 15.67
N LYS A 50 10.80 16.41 15.18
CA LYS A 50 11.92 16.77 16.03
C LYS A 50 12.30 18.22 15.78
N VAL A 51 12.72 18.89 16.86
CA VAL A 51 13.11 20.30 16.82
C VAL A 51 14.62 20.38 16.99
N TYR A 52 15.27 21.16 16.12
CA TYR A 52 16.72 21.33 16.16
C TYR A 52 17.03 22.81 16.18
N LEU A 53 17.90 23.22 17.10
CA LEU A 53 18.49 24.55 17.06
C LEU A 53 19.83 24.47 16.34
N ILE A 54 19.96 25.20 15.23
CA ILE A 54 21.21 25.29 14.48
C ILE A 54 21.75 26.70 14.67
N TYR A 55 22.95 26.79 15.23
CA TYR A 55 23.62 28.04 15.54
C TYR A 55 24.45 28.52 14.36
N GLU A 56 24.84 29.79 14.41
CA GLU A 56 25.62 30.38 13.32
C GLU A 56 26.99 29.72 13.19
N ASN A 57 27.62 29.37 14.32
CA ASN A 57 28.93 28.73 14.27
C ASN A 57 28.84 27.33 13.66
N GLY A 58 27.69 26.69 13.75
CA GLY A 58 27.48 25.39 13.14
C GLY A 58 26.96 24.33 14.09
N LYS A 59 26.76 24.72 15.35
CA LYS A 59 26.27 23.78 16.34
C LYS A 59 24.81 23.41 16.05
N VAL A 60 24.47 22.15 16.26
CA VAL A 60 23.12 21.64 16.07
C VAL A 60 22.73 20.86 17.33
N GLU A 61 21.68 21.31 18.01
CA GLU A 61 21.15 20.65 19.19
C GLU A 61 19.75 20.14 18.90
N GLU A 62 19.51 18.86 19.16
CA GLU A 62 18.16 18.31 19.09
C GLU A 62 17.48 18.56 20.43
N ILE A 63 16.50 19.47 20.44
CA ILE A 63 15.80 19.87 21.64
C ILE A 63 14.47 19.14 21.69
N GLU A 64 14.23 18.41 22.77
CA GLU A 64 12.93 17.78 22.96
C GLU A 64 11.95 18.80 23.50
N ILE A 65 10.82 18.94 22.82
CA ILE A 65 9.78 19.91 23.20
C ILE A 65 8.75 19.17 24.03
N PRO A 66 8.41 19.66 25.22
CA PRO A 66 7.38 18.99 26.02
C PRO A 66 6.06 18.92 25.26
N GLU A 67 5.29 17.88 25.55
CA GLU A 67 3.98 17.72 24.93
C GLU A 67 3.04 18.87 25.27
N ASP A 68 3.36 19.69 26.26
CA ASP A 68 2.48 20.76 26.72
C ASP A 68 2.61 22.07 25.95
N ASP A 69 3.73 22.31 25.27
CA ASP A 69 3.87 23.56 24.53
C ASP A 69 2.82 23.63 23.42
N ILE A 70 2.49 24.86 23.01
CA ILE A 70 1.42 25.05 22.04
C ILE A 70 1.83 24.55 20.66
N LEU A 71 3.13 24.52 20.37
CA LEU A 71 3.58 24.19 19.02
C LEU A 71 3.51 22.69 18.76
N TYR A 72 3.94 21.88 19.73
CA TYR A 72 3.96 20.43 19.57
C TYR A 72 2.67 19.85 19.04
N PRO A 73 1.48 20.11 19.61
CA PRO A 73 0.26 19.46 19.08
C PRO A 73 -0.06 19.86 17.65
N ILE A 74 -0.02 21.16 17.34
CA ILE A 74 -0.34 21.61 15.99
C ILE A 74 0.64 21.03 14.97
N TYR A 75 1.93 21.12 15.28
CA TYR A 75 2.94 20.61 14.36
C TYR A 75 2.83 19.09 14.20
N ASN A 76 2.55 18.37 15.29
CA ASN A 76 2.40 16.93 15.21
C ASN A 76 1.15 16.54 14.43
N LYS A 77 0.06 17.30 14.59
CA LYS A 77 -1.13 17.07 13.78
C LYS A 77 -0.82 17.27 12.30
N TYR A 78 -0.06 18.32 11.98
CA TYR A 78 0.36 18.52 10.59
C TYR A 78 1.19 17.35 10.09
N ILE A 79 2.15 16.90 10.89
CA ILE A 79 3.02 15.78 10.49
C ILE A 79 2.20 14.53 10.26
N GLU A 80 1.26 14.23 11.16
CA GLU A 80 0.48 13.00 11.04
C GLU A 80 -0.49 13.07 9.87
N THR A 81 -1.09 14.24 9.63
CA THR A 81 -1.95 14.39 8.46
C THR A 81 -1.15 14.21 7.18
N LEU A 82 0.07 14.76 7.12
CA LEU A 82 0.91 14.59 5.95
C LEU A 82 1.27 13.12 5.73
N LYS A 83 1.64 12.44 6.82
CA LYS A 83 2.01 11.02 6.73
C LYS A 83 0.83 10.18 6.26
N GLU A 84 -0.34 10.39 6.85
CA GLU A 84 -1.53 9.65 6.47
C GLU A 84 -1.94 9.95 5.03
N ALA A 85 -1.77 11.20 4.60
CA ALA A 85 -2.07 11.55 3.21
C ALA A 85 -1.11 10.85 2.26
N LEU A 86 0.18 10.79 2.60
CA LEU A 86 1.13 10.05 1.80
C LEU A 86 0.69 8.60 1.62
N LYS A 87 0.36 7.94 2.73
CA LYS A 87 -0.04 6.54 2.68
C LYS A 87 -1.31 6.36 1.85
N THR A 88 -2.33 7.19 2.10
CA THR A 88 -3.58 7.09 1.37
C THR A 88 -3.38 7.31 -0.13
N VAL A 89 -2.56 8.30 -0.50
CA VAL A 89 -2.37 8.60 -1.91
C VAL A 89 -1.61 7.48 -2.60
N GLU A 90 -0.63 6.87 -1.91
CA GLU A 90 0.06 5.74 -2.52
C GLU A 90 -0.89 4.55 -2.71
N LYS A 91 -1.72 4.28 -1.71
CA LYS A 91 -2.70 3.19 -1.81
C LYS A 91 -3.65 3.43 -2.99
N LEU A 92 -4.18 4.65 -3.09
CA LEU A 92 -5.12 4.96 -4.18
C LEU A 92 -4.44 4.92 -5.54
N GLN A 93 -3.16 5.32 -5.61
CA GLN A 93 -2.41 5.21 -6.85
C GLN A 93 -2.30 3.76 -7.29
N GLU A 94 -1.93 2.88 -6.36
CA GLU A 94 -1.84 1.46 -6.70
C GLU A 94 -3.18 0.92 -7.15
N GLU A 95 -4.27 1.31 -6.46
CA GLU A 95 -5.59 0.82 -6.84
C GLU A 95 -6.00 1.31 -8.22
N LEU A 96 -5.71 2.57 -8.53
CA LEU A 96 -6.07 3.12 -9.83
C LEU A 96 -5.26 2.46 -10.95
N GLU A 97 -3.98 2.17 -10.69
CA GLU A 97 -3.18 1.45 -11.67
C GLU A 97 -3.75 0.06 -11.93
N GLU A 98 -4.08 -0.66 -10.86
CA GLU A 98 -4.69 -1.97 -11.01
C GLU A 98 -6.01 -1.89 -11.78
N LEU A 99 -6.81 -0.85 -11.52
CA LEU A 99 -8.05 -0.65 -12.27
C LEU A 99 -7.78 -0.47 -13.75
N LEU A 100 -6.85 0.43 -14.10
CA LEU A 100 -6.55 0.66 -15.52
C LEU A 100 -6.03 -0.61 -16.19
N GLU A 101 -5.24 -1.40 -15.47
CA GLU A 101 -4.76 -2.66 -16.02
C GLU A 101 -5.90 -3.63 -16.28
N ASN A 102 -6.76 -3.83 -15.27
CA ASN A 102 -7.88 -4.76 -15.40
C ASN A 102 -8.86 -4.32 -16.47
N LEU A 108 -13.18 -7.09 -15.72
CA LEU A 108 -14.05 -7.98 -14.96
C LEU A 108 -15.51 -7.53 -15.04
N SER A 109 -15.76 -6.30 -14.60
CA SER A 109 -17.12 -5.78 -14.51
C SER A 109 -17.06 -4.26 -14.63
N GLU A 110 -17.62 -3.74 -15.73
CA GLU A 110 -17.55 -2.30 -15.99
C GLU A 110 -18.27 -1.50 -14.91
N GLU A 111 -19.42 -1.99 -14.44
CA GLU A 111 -20.15 -1.26 -13.41
C GLU A 111 -19.39 -1.28 -12.09
N GLU A 112 -18.76 -2.40 -11.77
CA GLU A 112 -17.89 -2.44 -10.59
C GLU A 112 -16.72 -1.50 -10.74
N ARG A 113 -16.19 -1.36 -11.96
CA ARG A 113 -15.09 -0.41 -12.19
C ARG A 113 -15.57 1.03 -12.01
N LEU A 114 -16.81 1.32 -12.42
CA LEU A 114 -17.38 2.64 -12.17
C LEU A 114 -17.49 2.92 -10.67
N GLU A 115 -17.97 1.92 -9.92
CA GLU A 115 -18.04 2.05 -8.47
C GLU A 115 -16.65 2.24 -7.86
N LYS A 116 -15.66 1.50 -8.35
CA LYS A 116 -14.30 1.61 -7.86
C LYS A 116 -13.73 3.00 -8.12
N LEU A 117 -13.99 3.56 -9.31
CA LEU A 117 -13.53 4.90 -9.62
C LEU A 117 -14.17 5.93 -8.70
N LYS A 118 -15.48 5.76 -8.44
CA LYS A 118 -16.17 6.65 -7.51
C LYS A 118 -15.55 6.57 -6.12
N GLU A 119 -15.26 5.36 -5.63
CA GLU A 119 -14.62 5.18 -4.33
C GLU A 119 -13.26 5.87 -4.28
N LEU A 120 -12.42 5.60 -5.29
CA LEU A 120 -11.12 6.24 -5.38
C LEU A 120 -11.23 7.76 -5.29
N ALA A 121 -12.12 8.35 -6.09
CA ALA A 121 -12.25 9.80 -6.13
C ALA A 121 -12.75 10.35 -4.80
N GLU A 122 -13.70 9.65 -4.16
CA GLU A 122 -14.21 10.13 -2.87
C GLU A 122 -13.11 10.12 -1.82
N GLU A 123 -12.32 9.05 -1.75
CA GLU A 123 -11.26 8.99 -0.76
C GLU A 123 -10.18 10.03 -1.06
N LEU A 124 -9.86 10.24 -2.34
CA LEU A 124 -8.90 11.26 -2.73
C LEU A 124 -9.36 12.64 -2.27
N LYS A 125 -10.63 12.96 -2.52
CA LYS A 125 -11.18 14.24 -2.13
C LYS A 125 -11.13 14.45 -0.62
N GLU A 126 -11.58 13.43 0.13
CA GLU A 126 -11.55 13.54 1.59
C GLU A 126 -10.13 13.79 2.10
N THR A 127 -9.16 13.03 1.58
CA THR A 127 -7.78 13.18 2.03
C THR A 127 -7.24 14.58 1.70
N ALA A 128 -7.49 15.04 0.47
CA ALA A 128 -7.04 16.37 0.08
C ALA A 128 -7.63 17.46 0.97
N GLU A 129 -8.92 17.33 1.30
CA GLU A 129 -9.55 18.38 2.10
C GLU A 129 -9.07 18.35 3.54
N LYS A 130 -8.87 17.15 4.11
CA LYS A 130 -8.28 17.06 5.44
C LYS A 130 -6.88 17.66 5.47
N LEU A 131 -6.09 17.42 4.42
CA LEU A 131 -4.75 17.99 4.35
C LEU A 131 -4.81 19.51 4.28
N LEU A 132 -5.69 20.06 3.45
CA LEU A 132 -5.85 21.50 3.36
C LEU A 132 -6.29 22.09 4.69
N LYS A 133 -7.13 21.36 5.43
CA LYS A 133 -7.59 21.82 6.74
C LYS A 133 -6.44 21.90 7.73
N SER A 134 -5.61 20.87 7.77
CA SER A 134 -4.43 20.88 8.63
C SER A 134 -3.47 22.00 8.24
N ILE A 135 -3.29 22.21 6.92
CA ILE A 135 -2.41 23.28 6.44
C ILE A 135 -2.92 24.64 6.91
N GLU A 136 -4.23 24.87 6.78
CA GLU A 136 -4.81 26.13 7.21
C GLU A 136 -4.61 26.35 8.70
N GLU A 137 -4.83 25.31 9.51
CA GLU A 137 -4.63 25.43 10.94
C GLU A 137 -3.19 25.81 11.27
N PHE A 138 -2.23 25.13 10.64
CA PHE A 138 -0.83 25.38 10.95
C PHE A 138 -0.40 26.76 10.49
N SER A 139 -0.91 27.22 9.34
CA SER A 139 -0.58 28.55 8.85
C SER A 139 -1.16 29.63 9.76
N LYS A 140 -2.39 29.44 10.24
CA LYS A 140 -2.96 30.39 11.17
C LYS A 140 -2.15 30.45 12.46
N PHE A 141 -1.71 29.28 12.96
CA PHE A 141 -0.89 29.27 14.16
C PHE A 141 0.40 30.05 13.95
N LEU A 142 1.07 29.82 12.82
CA LEU A 142 2.34 30.51 12.56
C LEU A 142 2.13 32.01 12.40
N GLU A 143 1.03 32.42 11.78
CA GLU A 143 0.79 33.85 11.60
C GLU A 143 0.47 34.54 12.92
N GLU A 144 -0.30 33.87 13.79
CA GLU A 144 -0.51 34.41 15.13
C GLU A 144 0.80 34.47 15.92
N LEU A 145 1.64 33.45 15.77
CA LEU A 145 2.94 33.46 16.45
C LEU A 145 3.80 34.64 16.00
N LYS A 146 3.77 34.96 14.71
CA LYS A 146 4.52 36.11 14.23
C LYS A 146 3.89 37.42 14.66
N LYS A 147 2.56 37.45 14.79
CA LYS A 147 1.91 38.65 15.31
C LYS A 147 2.29 38.92 16.76
N LYS A 148 2.48 37.86 17.54
CA LYS A 148 2.87 38.01 18.95
C LYS A 148 4.32 38.48 19.12
N LEU A 149 4.81 39.30 18.20
CA LEU A 149 6.20 39.72 18.19
C LEU A 149 6.31 41.23 18.07
N PRO A 150 7.39 41.81 18.59
CA PRO A 150 7.58 43.27 18.47
C PRO A 150 7.70 43.72 17.02
N LYS A 151 7.66 45.03 16.84
CA LYS A 151 7.74 45.61 15.50
C LYS A 151 9.11 45.36 14.87
N ASN A 152 10.18 45.68 15.59
CA ASN A 152 11.53 45.45 15.07
C ASN A 152 11.79 43.96 14.86
N ILE A 153 11.38 43.14 15.84
CA ILE A 153 11.57 41.70 15.73
C ILE A 153 10.75 41.15 14.57
N LYS A 154 11.40 40.44 13.67
CA LYS A 154 10.74 39.81 12.53
C LYS A 154 11.10 38.33 12.46
N LEU A 155 10.11 37.51 12.16
CA LEU A 155 10.28 36.07 12.01
C LEU A 155 10.27 35.72 10.53
N ASN A 156 11.33 35.08 10.06
CA ASN A 156 11.46 34.67 8.67
C ASN A 156 11.29 33.16 8.60
N ILE A 157 10.12 32.72 8.14
CA ILE A 157 9.79 31.30 8.04
C ILE A 157 9.88 30.88 6.59
N ASN A 158 10.43 29.70 6.36
CA ASN A 158 10.51 29.13 5.01
C ASN A 158 9.28 28.25 4.82
N TYR A 159 8.26 28.80 4.15
CA TYR A 159 7.03 28.10 3.87
C TYR A 159 7.15 27.11 2.72
N SER A 160 8.36 26.61 2.43
CA SER A 160 8.52 25.68 1.31
C SER A 160 7.66 24.43 1.49
N SER A 161 7.75 23.80 2.66
CA SER A 161 6.99 22.58 2.90
C SER A 161 5.49 22.83 2.88
N ILE A 162 5.04 23.94 3.48
CA ILE A 162 3.62 24.25 3.51
C ILE A 162 3.10 24.50 2.10
N ASN A 163 3.84 25.24 1.29
CA ASN A 163 3.41 25.51 -0.08
C ASN A 163 3.42 24.23 -0.91
N LEU A 164 4.42 23.37 -0.70
CA LEU A 164 4.45 22.07 -1.36
C LEU A 164 3.20 21.26 -1.02
N ALA A 165 2.87 21.18 0.27
CA ALA A 165 1.70 20.43 0.69
C ALA A 165 0.42 21.01 0.11
N LYS A 166 0.31 22.35 0.06
CA LYS A 166 -0.89 22.96 -0.50
C LYS A 166 -1.02 22.67 -1.99
N GLU A 167 0.08 22.80 -2.74
CA GLU A 167 0.05 22.49 -4.16
C GLU A 167 -0.29 21.01 -4.38
N ALA A 168 0.23 20.13 -3.53
CA ALA A 168 -0.07 18.71 -3.67
C ALA A 168 -1.54 18.43 -3.39
N ALA A 169 -2.11 19.05 -2.37
CA ALA A 169 -3.52 18.87 -2.07
C ALA A 169 -4.39 19.41 -3.20
N GLU A 170 -3.99 20.53 -3.79
CA GLU A 170 -4.77 21.09 -4.90
C GLU A 170 -4.70 20.20 -6.13
N LYS A 171 -3.52 19.66 -6.43
CA LYS A 171 -3.41 18.72 -7.55
C LYS A 171 -4.20 17.44 -7.29
N ALA A 172 -4.22 16.96 -6.04
CA ALA A 172 -5.03 15.80 -5.70
C ALA A 172 -6.51 16.09 -5.88
N LEU A 173 -6.95 17.29 -5.48
CA LEU A 173 -8.34 17.68 -5.68
C LEU A 173 -8.69 17.76 -7.16
N GLU A 174 -7.76 18.28 -7.97
CA GLU A 174 -7.99 18.35 -9.41
C GLU A 174 -8.12 16.94 -9.99
N ALA A 175 -7.25 16.03 -9.57
CA ALA A 175 -7.34 14.64 -10.04
C ALA A 175 -8.65 13.99 -9.60
N SER A 176 -9.08 14.26 -8.36
CA SER A 176 -10.33 13.72 -7.87
C SER A 176 -11.52 14.23 -8.68
N GLU A 177 -11.53 15.52 -9.01
CA GLU A 177 -12.64 16.06 -9.79
C GLU A 177 -12.59 15.56 -11.24
N LEU A 178 -11.39 15.30 -11.77
CA LEU A 178 -11.29 14.67 -13.08
C LEU A 178 -11.85 13.25 -13.06
N LEU A 179 -11.51 12.48 -12.02
CA LEU A 179 -12.10 11.15 -11.85
C LEU A 179 -13.62 11.22 -11.70
N GLU A 180 -14.11 12.24 -11.00
CA GLU A 180 -15.55 12.41 -10.84
C GLU A 180 -16.23 12.73 -12.15
N GLU A 181 -15.59 13.56 -12.98
CA GLU A 181 -16.10 13.81 -14.33
C GLU A 181 -16.18 12.51 -15.12
N VAL A 182 -15.13 11.68 -15.04
CA VAL A 182 -15.15 10.39 -15.72
C VAL A 182 -16.34 9.56 -15.23
N TYR A 183 -16.49 9.45 -13.91
CA TYR A 183 -17.54 8.63 -13.34
C TYR A 183 -18.92 9.13 -13.75
N GLU A 184 -19.10 10.45 -13.79
CA GLU A 184 -20.42 10.98 -14.13
C GLU A 184 -20.71 10.81 -15.62
N SER A 185 -19.75 11.19 -16.48
CA SER A 185 -19.93 11.07 -17.91
C SER A 185 -20.08 9.62 -18.36
N SER A 186 -19.68 8.66 -17.52
CA SER A 186 -19.81 7.24 -17.88
C SER A 186 -21.04 6.59 -17.27
N GLY A 187 -21.33 6.85 -15.98
CA GLY A 187 -22.53 6.29 -15.39
C GLY A 187 -23.79 6.94 -15.94
N SER A 188 -23.84 8.28 -15.88
CA SER A 188 -24.97 9.05 -16.42
C SER A 188 -26.32 8.54 -15.92
N GLU B 3 29.98 -25.98 -14.49
CA GLU B 3 28.90 -25.17 -15.05
C GLU B 3 27.64 -26.02 -15.28
N GLU B 4 27.84 -27.32 -15.49
CA GLU B 4 26.70 -28.22 -15.69
C GLU B 4 25.76 -28.18 -14.48
N LYS B 5 26.32 -28.23 -13.27
CA LYS B 5 25.50 -28.10 -12.07
C LYS B 5 24.75 -26.78 -12.04
N ARG B 6 25.43 -25.68 -12.39
CA ARG B 6 24.79 -24.37 -12.39
C ARG B 6 23.64 -24.32 -13.41
N GLU B 7 23.85 -24.87 -14.59
CA GLU B 7 22.81 -24.87 -15.62
C GLU B 7 21.59 -25.66 -15.17
N GLU B 8 21.83 -26.88 -14.66
CA GLU B 8 20.72 -27.70 -14.16
C GLU B 8 19.96 -26.98 -13.05
N LEU B 9 20.70 -26.40 -12.10
CA LEU B 9 20.05 -25.72 -10.97
C LEU B 9 19.25 -24.51 -11.42
N LEU B 10 19.80 -23.71 -12.34
CA LEU B 10 19.12 -22.51 -12.79
C LEU B 10 17.82 -22.86 -13.53
N GLU B 11 17.89 -23.84 -14.44
CA GLU B 11 16.69 -24.23 -15.16
C GLU B 11 15.67 -24.93 -14.25
N GLU B 12 16.15 -25.69 -13.27
CA GLU B 12 15.26 -26.25 -12.25
C GLU B 12 14.55 -25.14 -11.47
N ALA B 13 15.29 -24.08 -11.15
CA ALA B 13 14.68 -22.93 -10.47
C ALA B 13 13.63 -22.26 -11.34
N LYS B 14 13.92 -22.12 -12.64
CA LYS B 14 12.92 -21.57 -13.56
C LYS B 14 11.66 -22.43 -13.58
N ARG B 15 11.83 -23.76 -13.60
CA ARG B 15 10.69 -24.66 -13.54
C ARG B 15 9.89 -24.46 -12.26
N LEU B 16 10.59 -24.38 -11.13
CA LEU B 16 9.91 -24.19 -9.84
C LEU B 16 9.19 -22.84 -9.79
N LEU B 17 9.74 -21.81 -10.43
CA LEU B 17 9.10 -20.51 -10.44
C LEU B 17 7.84 -20.52 -11.30
N GLU B 18 7.90 -21.18 -12.45
CA GLU B 18 6.69 -21.36 -13.26
C GLU B 18 5.61 -22.12 -12.48
N GLU B 19 6.01 -23.20 -11.80
CA GLU B 19 5.05 -23.94 -10.99
C GLU B 19 4.45 -23.06 -9.90
N SER B 20 5.28 -22.24 -9.26
CA SER B 20 4.78 -21.34 -8.21
C SER B 20 3.78 -20.34 -8.78
N LEU B 21 4.08 -19.77 -9.94
CA LEU B 21 3.16 -18.82 -10.56
C LEU B 21 1.82 -19.49 -10.89
N LYS B 22 1.89 -20.70 -11.44
CA LYS B 22 0.67 -21.44 -11.75
C LYS B 22 -0.16 -21.70 -10.50
N LEU B 23 0.49 -22.20 -9.45
CA LEU B 23 -0.22 -22.50 -8.21
C LEU B 23 -0.82 -21.24 -7.59
N LEU B 24 -0.10 -20.12 -7.68
CA LEU B 24 -0.62 -18.86 -7.13
C LEU B 24 -1.85 -18.40 -7.89
N LYS B 25 -1.81 -18.48 -9.22
CA LYS B 25 -3.00 -18.11 -10.00
C LYS B 25 -4.17 -19.02 -9.67
N GLN B 26 -3.91 -20.32 -9.52
CA GLN B 26 -4.98 -21.24 -9.14
C GLN B 26 -5.56 -20.89 -7.76
N ALA B 27 -4.69 -20.55 -6.82
CA ALA B 27 -5.15 -20.19 -5.48
C ALA B 27 -6.00 -18.93 -5.49
N TYR B 28 -5.58 -17.92 -6.27
CA TYR B 28 -6.40 -16.72 -6.39
C TYR B 28 -7.74 -17.02 -7.04
N ASN B 29 -7.76 -17.87 -8.06
CA ASN B 29 -9.02 -18.23 -8.69
C ASN B 29 -9.90 -19.07 -7.77
N THR B 30 -9.30 -19.92 -6.95
CA THR B 30 -10.06 -20.82 -6.10
C THR B 30 -10.76 -20.06 -4.99
N PRO B 31 -12.09 -20.15 -4.87
CA PRO B 31 -12.79 -19.48 -3.78
C PRO B 31 -12.77 -20.30 -2.50
N ILE B 32 -13.00 -19.61 -1.39
CA ILE B 32 -12.99 -20.25 -0.07
C ILE B 32 -14.43 -20.61 0.29
N GLU B 33 -14.71 -21.91 0.38
CA GLU B 33 -16.05 -22.42 0.65
C GLU B 33 -16.19 -22.77 2.13
N ILE B 34 -17.31 -22.36 2.73
CA ILE B 34 -17.58 -22.59 4.15
C ILE B 34 -19.06 -22.94 4.28
N ASP B 35 -19.37 -24.21 4.54
CA ASP B 35 -20.76 -24.58 4.83
C ASP B 35 -21.25 -23.86 6.07
N LEU B 36 -22.05 -22.80 5.88
CA LEU B 36 -22.49 -21.98 7.00
C LEU B 36 -23.34 -22.80 7.97
N PRO B 37 -23.25 -22.53 9.26
CA PRO B 37 -23.96 -23.34 10.26
C PRO B 37 -25.36 -22.84 10.56
N ILE B 38 -26.15 -23.73 11.17
CA ILE B 38 -27.53 -23.50 11.60
C ILE B 38 -28.31 -22.76 10.51
N SER B 39 -28.20 -23.23 9.27
CA SER B 39 -28.88 -22.59 8.16
C SER B 39 -29.46 -23.69 7.26
N GLY B 40 -30.06 -23.26 6.16
CA GLY B 40 -30.63 -24.19 5.20
C GLY B 40 -29.58 -24.77 4.29
N GLY B 41 -28.49 -25.27 4.86
CA GLY B 41 -27.37 -25.76 4.07
C GLY B 41 -26.79 -24.70 3.17
N VAL B 42 -26.65 -23.48 3.67
CA VAL B 42 -26.09 -22.38 2.89
C VAL B 42 -24.58 -22.44 2.94
N LYS B 43 -23.93 -22.10 1.83
CA LYS B 43 -22.48 -22.06 1.74
C LYS B 43 -22.02 -20.62 1.54
N ALA B 44 -21.03 -20.19 2.31
CA ALA B 44 -20.39 -18.90 2.12
C ALA B 44 -19.14 -19.08 1.25
N ILE B 45 -19.14 -18.41 0.10
CA ILE B 45 -18.05 -18.45 -0.86
C ILE B 45 -17.32 -17.11 -0.83
N LEU B 46 -16.03 -17.16 -0.60
CA LEU B 46 -15.17 -15.97 -0.60
C LEU B 46 -14.40 -15.93 -1.92
N TYR B 47 -14.64 -14.88 -2.72
CA TYR B 47 -13.99 -14.73 -4.02
C TYR B 47 -13.72 -13.25 -4.29
N ASN B 48 -12.44 -12.92 -4.49
CA ASN B 48 -12.02 -11.57 -4.89
C ASN B 48 -12.52 -10.51 -3.92
N GLY B 49 -12.43 -10.80 -2.62
CA GLY B 49 -12.88 -9.84 -1.63
C GLY B 49 -14.38 -9.70 -1.52
N LYS B 50 -15.15 -10.59 -2.15
CA LYS B 50 -16.60 -10.57 -2.11
C LYS B 50 -17.11 -11.84 -1.47
N VAL B 51 -18.19 -11.72 -0.70
CA VAL B 51 -18.80 -12.84 0.01
C VAL B 51 -20.14 -13.15 -0.64
N TYR B 52 -20.37 -14.43 -0.92
CA TYR B 52 -21.60 -14.88 -1.56
C TYR B 52 -22.22 -15.99 -0.73
N LEU B 53 -23.51 -15.88 -0.46
CA LEU B 53 -24.27 -16.99 0.11
C LEU B 53 -24.96 -17.75 -1.03
N ILE B 54 -24.64 -19.04 -1.14
CA ILE B 54 -25.27 -19.92 -2.12
C ILE B 54 -26.15 -20.91 -1.36
N TYR B 55 -27.44 -20.88 -1.68
CA TYR B 55 -28.45 -21.71 -1.04
C TYR B 55 -28.60 -23.04 -1.76
N GLU B 56 -29.26 -23.98 -1.10
CA GLU B 56 -29.45 -25.30 -1.69
C GLU B 56 -30.33 -25.24 -2.92
N ASN B 57 -31.36 -24.39 -2.91
CA ASN B 57 -32.25 -24.29 -4.07
C ASN B 57 -31.53 -23.70 -5.27
N GLY B 58 -30.48 -22.91 -5.06
CA GLY B 58 -29.69 -22.38 -6.16
C GLY B 58 -29.51 -20.88 -6.10
N LYS B 59 -30.11 -20.24 -5.10
CA LYS B 59 -30.00 -18.79 -4.97
C LYS B 59 -28.58 -18.40 -4.60
N VAL B 60 -28.12 -17.29 -5.16
CA VAL B 60 -26.81 -16.72 -4.87
C VAL B 60 -26.98 -15.25 -4.53
N GLU B 61 -26.61 -14.87 -3.31
CA GLU B 61 -26.68 -13.49 -2.85
C GLU B 61 -25.28 -12.97 -2.58
N GLU B 62 -24.94 -11.83 -3.16
CA GLU B 62 -23.70 -11.14 -2.83
C GLU B 62 -23.95 -10.27 -1.61
N ILE B 63 -23.36 -10.64 -0.47
CA ILE B 63 -23.57 -9.93 0.78
C ILE B 63 -22.38 -9.03 1.03
N GLU B 64 -22.65 -7.74 1.22
CA GLU B 64 -21.60 -6.78 1.54
C GLU B 64 -21.20 -6.90 3.01
N ILE B 65 -19.91 -7.08 3.25
CA ILE B 65 -19.38 -7.26 4.60
C ILE B 65 -18.89 -5.92 5.11
N PRO B 66 -19.40 -5.43 6.24
CA PRO B 66 -18.86 -4.19 6.81
C PRO B 66 -17.40 -4.37 7.20
N GLU B 67 -16.66 -3.26 7.19
CA GLU B 67 -15.26 -3.31 7.63
C GLU B 67 -15.12 -3.70 9.09
N ASP B 68 -16.21 -3.67 9.86
CA ASP B 68 -16.14 -3.97 11.29
C ASP B 68 -16.20 -5.45 11.61
N ASP B 69 -16.69 -6.29 10.68
CA ASP B 69 -16.77 -7.71 10.93
C ASP B 69 -15.36 -8.28 11.14
N ILE B 70 -15.31 -9.43 11.83
CA ILE B 70 -14.03 -10.02 12.21
C ILE B 70 -13.29 -10.58 10.98
N LEU B 71 -14.01 -10.96 9.92
CA LEU B 71 -13.37 -11.65 8.80
C LEU B 71 -12.68 -10.70 7.82
N TYR B 72 -13.36 -9.62 7.43
CA TYR B 72 -12.88 -8.71 6.38
C TYR B 72 -11.41 -8.33 6.52
N PRO B 73 -10.90 -7.85 7.65
CA PRO B 73 -9.48 -7.45 7.67
C PRO B 73 -8.53 -8.59 7.37
N ILE B 74 -8.71 -9.74 8.02
CA ILE B 74 -7.83 -10.89 7.80
C ILE B 74 -7.93 -11.38 6.37
N TYR B 75 -9.18 -11.55 5.88
CA TYR B 75 -9.38 -12.07 4.54
C TYR B 75 -8.84 -11.12 3.47
N ASN B 76 -9.01 -9.80 3.67
CA ASN B 76 -8.49 -8.83 2.73
C ASN B 76 -6.97 -8.79 2.75
N LYS B 77 -6.36 -8.93 3.93
CA LYS B 77 -4.91 -9.03 4.00
C LYS B 77 -4.42 -10.25 3.24
N TYR B 78 -5.11 -11.39 3.38
CA TYR B 78 -4.74 -12.58 2.64
C TYR B 78 -4.86 -12.34 1.13
N ILE B 79 -5.97 -11.74 0.70
CA ILE B 79 -6.18 -11.49 -0.73
C ILE B 79 -5.09 -10.58 -1.29
N GLU B 80 -4.77 -9.51 -0.55
CA GLU B 80 -3.79 -8.55 -1.06
C GLU B 80 -2.38 -9.16 -1.07
N THR B 81 -2.06 -9.97 -0.05
CA THR B 81 -0.77 -10.65 -0.05
C THR B 81 -0.66 -11.61 -1.23
N LEU B 82 -1.74 -12.34 -1.52
CA LEU B 82 -1.73 -13.25 -2.67
C LEU B 82 -1.55 -12.50 -3.97
N LYS B 83 -2.26 -11.40 -4.13
CA LYS B 83 -2.17 -10.60 -5.36
C LYS B 83 -0.76 -10.04 -5.54
N GLU B 84 -0.20 -9.46 -4.47
CA GLU B 84 1.14 -8.89 -4.52
C GLU B 84 2.18 -9.98 -4.79
N ALA B 85 1.99 -11.17 -4.22
CA ALA B 85 2.90 -12.28 -4.46
C ALA B 85 2.84 -12.72 -5.92
N LEU B 86 1.64 -12.79 -6.48
CA LEU B 86 1.50 -13.11 -7.90
C LEU B 86 2.29 -12.13 -8.76
N LYS B 87 2.10 -10.83 -8.52
CA LYS B 87 2.80 -9.82 -9.31
C LYS B 87 4.32 -9.93 -9.15
N THR B 88 4.79 -10.05 -7.91
CA THR B 88 6.22 -10.15 -7.65
C THR B 88 6.83 -11.38 -8.34
N VAL B 89 6.14 -12.52 -8.26
CA VAL B 89 6.68 -13.75 -8.82
C VAL B 89 6.73 -13.66 -10.35
N GLU B 90 5.72 -13.04 -10.96
CA GLU B 90 5.78 -12.87 -12.41
C GLU B 90 6.93 -11.96 -12.82
N LYS B 91 7.12 -10.86 -12.08
CA LYS B 91 8.23 -9.96 -12.36
C LYS B 91 9.57 -10.67 -12.25
N LEU B 92 9.75 -11.43 -11.16
CA LEU B 92 11.02 -12.14 -10.96
C LEU B 92 11.22 -13.23 -12.00
N GLN B 93 10.15 -13.88 -12.44
CA GLN B 93 10.27 -14.86 -13.52
C GLN B 93 10.78 -14.21 -14.80
N GLU B 94 10.18 -13.08 -15.18
CA GLU B 94 10.64 -12.38 -16.36
C GLU B 94 12.10 -11.95 -16.23
N GLU B 95 12.49 -11.45 -15.06
CA GLU B 95 13.87 -11.02 -14.86
C GLU B 95 14.84 -12.20 -14.96
N LEU B 96 14.47 -13.35 -14.38
CA LEU B 96 15.34 -14.52 -14.43
C LEU B 96 15.46 -15.05 -15.86
N GLU B 97 14.36 -15.01 -16.63
CA GLU B 97 14.44 -15.41 -18.03
C GLU B 97 15.38 -14.50 -18.81
N GLU B 98 15.24 -13.18 -18.62
CA GLU B 98 16.15 -12.25 -19.28
C GLU B 98 17.60 -12.50 -18.87
N LEU B 99 17.83 -12.81 -17.59
CA LEU B 99 19.18 -13.13 -17.14
C LEU B 99 19.74 -14.34 -17.87
N LEU B 100 18.97 -15.43 -17.90
CA LEU B 100 19.44 -16.64 -18.57
C LEU B 100 19.71 -16.39 -20.04
N GLU B 101 18.88 -15.57 -20.69
CA GLU B 101 19.11 -15.24 -22.09
C GLU B 101 20.40 -14.45 -22.27
N ASN B 102 20.58 -13.40 -21.49
CA ASN B 102 21.77 -12.55 -21.59
C ASN B 102 23.04 -13.33 -21.26
N SER B 109 28.88 -9.75 -17.89
CA SER B 109 29.60 -9.60 -16.64
C SER B 109 29.14 -10.61 -15.59
N GLU B 110 30.03 -11.56 -15.28
CA GLU B 110 29.68 -12.64 -14.37
C GLU B 110 29.39 -12.14 -12.97
N GLU B 111 30.17 -11.17 -12.48
CA GLU B 111 29.95 -10.65 -11.13
C GLU B 111 28.65 -9.84 -11.06
N GLU B 112 28.37 -9.06 -12.11
CA GLU B 112 27.10 -8.34 -12.16
C GLU B 112 25.93 -9.32 -12.20
N ARG B 113 26.10 -10.43 -12.92
CA ARG B 113 25.05 -11.45 -12.98
C ARG B 113 24.87 -12.15 -11.63
N LEU B 114 25.96 -12.35 -10.89
CA LEU B 114 25.85 -12.89 -9.54
C LEU B 114 25.06 -11.96 -8.63
N GLU B 115 25.33 -10.65 -8.73
CA GLU B 115 24.55 -9.68 -7.96
C GLU B 115 23.07 -9.77 -8.31
N LYS B 116 22.77 -9.88 -9.61
CA LYS B 116 21.37 -9.98 -10.05
C LYS B 116 20.71 -11.23 -9.50
N LEU B 117 21.41 -12.37 -9.54
CA LEU B 117 20.87 -13.61 -9.00
C LEU B 117 20.60 -13.49 -7.50
N LYS B 118 21.53 -12.87 -6.77
CA LYS B 118 21.32 -12.68 -5.33
C LYS B 118 20.08 -11.84 -5.05
N GLU B 119 19.91 -10.76 -5.81
CA GLU B 119 18.74 -9.90 -5.64
C GLU B 119 17.45 -10.69 -5.90
N LEU B 120 17.40 -11.41 -7.03
CA LEU B 120 16.26 -12.25 -7.35
C LEU B 120 15.91 -13.19 -6.21
N ALA B 121 16.92 -13.92 -5.71
CA ALA B 121 16.67 -14.91 -4.67
C ALA B 121 16.17 -14.26 -3.38
N GLU B 122 16.75 -13.11 -3.01
CA GLU B 122 16.32 -12.43 -1.79
C GLU B 122 14.86 -12.00 -1.88
N GLU B 123 14.47 -11.43 -3.02
CA GLU B 123 13.08 -10.99 -3.15
C GLU B 123 12.13 -12.18 -3.16
N LEU B 124 12.51 -13.27 -3.83
CA LEU B 124 11.69 -14.47 -3.83
C LEU B 124 11.47 -14.99 -2.41
N LYS B 125 12.55 -15.05 -1.63
CA LYS B 125 12.46 -15.54 -0.25
C LYS B 125 11.53 -14.67 0.58
N GLU B 126 11.71 -13.35 0.51
CA GLU B 126 10.86 -12.44 1.27
C GLU B 126 9.38 -12.63 0.92
N THR B 127 9.08 -12.70 -0.38
CA THR B 127 7.70 -12.85 -0.81
C THR B 127 7.10 -14.16 -0.31
N ALA B 128 7.85 -15.26 -0.46
CA ALA B 128 7.36 -16.56 0.00
C ALA B 128 7.07 -16.54 1.49
N GLU B 129 7.95 -15.92 2.28
CA GLU B 129 7.76 -15.95 3.73
C GLU B 129 6.57 -15.07 4.15
N LYS B 130 6.40 -13.92 3.49
CA LYS B 130 5.23 -13.09 3.78
C LYS B 130 3.94 -13.84 3.45
N LEU B 131 3.93 -14.57 2.33
CA LEU B 131 2.74 -15.32 1.97
C LEU B 131 2.45 -16.42 2.99
N LEU B 132 3.49 -17.16 3.40
CA LEU B 132 3.29 -18.21 4.40
C LEU B 132 2.78 -17.64 5.71
N LYS B 133 3.26 -16.45 6.10
CA LYS B 133 2.79 -15.83 7.34
C LYS B 133 1.32 -15.45 7.24
N SER B 134 0.91 -14.85 6.12
CA SER B 134 -0.51 -14.53 5.94
C SER B 134 -1.37 -15.79 5.95
N ILE B 135 -0.87 -16.87 5.33
CA ILE B 135 -1.60 -18.13 5.32
C ILE B 135 -1.79 -18.65 6.73
N GLU B 136 -0.72 -18.61 7.53
CA GLU B 136 -0.80 -19.06 8.91
C GLU B 136 -1.82 -18.26 9.70
N GLU B 137 -1.80 -16.93 9.54
CA GLU B 137 -2.77 -16.08 10.24
C GLU B 137 -4.20 -16.46 9.87
N PHE B 138 -4.46 -16.64 8.57
CA PHE B 138 -5.82 -16.92 8.13
C PHE B 138 -6.27 -18.30 8.62
N SER B 139 -5.36 -19.28 8.62
CA SER B 139 -5.71 -20.60 9.10
C SER B 139 -6.00 -20.59 10.59
N LYS B 140 -5.21 -19.85 11.38
CA LYS B 140 -5.50 -19.73 12.81
C LYS B 140 -6.84 -19.06 13.05
N PHE B 141 -7.15 -18.03 12.28
CA PHE B 141 -8.45 -17.37 12.41
C PHE B 141 -9.59 -18.35 12.14
N LEU B 142 -9.47 -19.14 11.06
CA LEU B 142 -10.53 -20.09 10.72
C LEU B 142 -10.65 -21.18 11.79
N GLU B 143 -9.53 -21.62 12.36
CA GLU B 143 -9.59 -22.64 13.39
C GLU B 143 -10.24 -22.12 14.66
N GLU B 144 -9.94 -20.88 15.04
CA GLU B 144 -10.63 -20.27 16.17
C GLU B 144 -12.13 -20.11 15.88
N LEU B 145 -12.47 -19.73 14.64
CA LEU B 145 -13.87 -19.60 14.27
C LEU B 145 -14.61 -20.92 14.38
N LYS B 146 -13.96 -22.02 14.00
CA LYS B 146 -14.61 -23.32 14.14
C LYS B 146 -14.64 -23.76 15.60
N LYS B 147 -13.67 -23.35 16.41
CA LYS B 147 -13.72 -23.65 17.83
C LYS B 147 -14.89 -22.94 18.50
N LYS B 148 -15.22 -21.74 18.04
CA LYS B 148 -16.34 -20.99 18.60
C LYS B 148 -17.70 -21.57 18.20
N LEU B 149 -17.79 -22.88 18.04
CA LEU B 149 -19.00 -23.52 17.56
C LEU B 149 -19.41 -24.67 18.46
N PRO B 150 -20.70 -24.98 18.52
CA PRO B 150 -21.17 -26.11 19.34
C PRO B 150 -20.59 -27.44 18.87
N LYS B 151 -20.83 -28.47 19.69
CA LYS B 151 -20.34 -29.80 19.36
C LYS B 151 -21.08 -30.37 18.14
N ASN B 152 -22.41 -30.29 18.13
CA ASN B 152 -23.17 -30.79 16.99
C ASN B 152 -22.84 -30.01 15.73
N ILE B 153 -22.77 -28.69 15.85
CA ILE B 153 -22.45 -27.84 14.71
C ILE B 153 -21.00 -28.10 14.27
N LYS B 154 -20.83 -28.42 12.99
CA LYS B 154 -19.51 -28.62 12.41
C LYS B 154 -19.36 -27.75 11.17
N LEU B 155 -18.20 -27.14 11.02
CA LEU B 155 -17.90 -26.28 9.88
C LEU B 155 -16.97 -27.02 8.92
N ASN B 156 -17.39 -27.13 7.66
CA ASN B 156 -16.62 -27.79 6.63
C ASN B 156 -16.07 -26.71 5.69
N ILE B 157 -14.78 -26.44 5.82
CA ILE B 157 -14.11 -25.39 5.06
C ILE B 157 -13.28 -26.02 3.96
N ASN B 158 -13.27 -25.40 2.78
CA ASN B 158 -12.46 -25.85 1.66
C ASN B 158 -11.12 -25.12 1.73
N TYR B 159 -10.12 -25.79 2.28
CA TYR B 159 -8.76 -25.25 2.37
C TYR B 159 -8.01 -25.35 1.05
N SER B 160 -8.71 -25.46 -0.07
CA SER B 160 -8.06 -25.64 -1.38
C SER B 160 -7.15 -24.46 -1.70
N SER B 161 -7.67 -23.24 -1.59
CA SER B 161 -6.87 -22.06 -1.92
C SER B 161 -5.69 -21.91 -0.97
N ILE B 162 -5.91 -22.17 0.32
CA ILE B 162 -4.83 -22.05 1.31
C ILE B 162 -3.73 -23.06 1.01
N ASN B 163 -4.11 -24.31 0.70
CA ASN B 163 -3.11 -25.33 0.41
C ASN B 163 -2.37 -25.03 -0.89
N LEU B 164 -3.09 -24.53 -1.90
CA LEU B 164 -2.46 -24.10 -3.14
C LEU B 164 -1.42 -23.02 -2.88
N ALA B 165 -1.80 -21.99 -2.14
CA ALA B 165 -0.89 -20.90 -1.82
C ALA B 165 0.31 -21.40 -1.02
N LYS B 166 0.08 -22.31 -0.08
CA LYS B 166 1.19 -22.83 0.72
C LYS B 166 2.17 -23.63 -0.13
N GLU B 167 1.64 -24.49 -1.01
CA GLU B 167 2.51 -25.25 -1.90
C GLU B 167 3.27 -24.32 -2.84
N ALA B 168 2.62 -23.25 -3.29
CA ALA B 168 3.31 -22.29 -4.16
C ALA B 168 4.42 -21.57 -3.42
N ALA B 169 4.17 -21.16 -2.17
CA ALA B 169 5.19 -20.50 -1.38
C ALA B 169 6.36 -21.43 -1.10
N GLU B 170 6.07 -22.72 -0.86
CA GLU B 170 7.14 -23.67 -0.61
C GLU B 170 7.98 -23.91 -1.86
N LYS B 171 7.33 -24.00 -3.03
CA LYS B 171 8.08 -24.13 -4.27
C LYS B 171 8.90 -22.88 -4.55
N ALA B 172 8.37 -21.70 -4.25
CA ALA B 172 9.14 -20.46 -4.42
C ALA B 172 10.34 -20.43 -3.49
N LEU B 173 10.17 -20.90 -2.26
CA LEU B 173 11.29 -20.98 -1.32
C LEU B 173 12.35 -21.95 -1.82
N GLU B 174 11.92 -23.09 -2.37
CA GLU B 174 12.88 -24.05 -2.93
C GLU B 174 13.64 -23.44 -4.11
N ALA B 175 12.95 -22.71 -4.98
CA ALA B 175 13.61 -22.04 -6.09
C ALA B 175 14.59 -20.98 -5.59
N SER B 176 14.19 -20.23 -4.57
CA SER B 176 15.08 -19.23 -3.98
C SER B 176 16.33 -19.88 -3.41
N GLU B 177 16.17 -21.04 -2.77
CA GLU B 177 17.34 -21.70 -2.18
C GLU B 177 18.25 -22.31 -3.24
N LEU B 178 17.70 -22.78 -4.35
CA LEU B 178 18.55 -23.22 -5.45
C LEU B 178 19.30 -22.04 -6.07
N LEU B 179 18.62 -20.91 -6.26
CA LEU B 179 19.31 -19.72 -6.75
C LEU B 179 20.42 -19.30 -5.78
N GLU B 180 20.17 -19.44 -4.48
CA GLU B 180 21.19 -19.11 -3.49
C GLU B 180 22.38 -20.07 -3.57
N GLU B 181 22.12 -21.36 -3.78
CA GLU B 181 23.20 -22.31 -4.00
C GLU B 181 24.02 -21.94 -5.23
N VAL B 182 23.35 -21.56 -6.32
CA VAL B 182 24.04 -21.13 -7.53
C VAL B 182 24.93 -19.93 -7.23
N TYR B 183 24.38 -18.94 -6.53
CA TYR B 183 25.13 -17.73 -6.20
C TYR B 183 26.33 -18.06 -5.31
N GLU B 184 26.16 -18.99 -4.37
CA GLU B 184 27.22 -19.31 -3.42
C GLU B 184 28.36 -20.08 -4.07
N SER B 185 28.04 -21.08 -4.89
CA SER B 185 29.10 -21.94 -5.44
C SER B 185 30.10 -21.16 -6.29
N SER B 186 29.73 -20.00 -6.81
CA SER B 186 30.63 -19.15 -7.57
C SER B 186 31.01 -17.94 -6.70
N GLY B 187 31.96 -18.15 -5.80
CA GLY B 187 32.47 -17.09 -4.94
C GLY B 187 31.43 -16.44 -4.06
#